data_1WKM
#
_entry.id   1WKM
#
_cell.length_a   112.010
_cell.length_b   112.010
_cell.length_c   122.960
_cell.angle_alpha   90.00
_cell.angle_beta   90.00
_cell.angle_gamma   120.00
#
_symmetry.space_group_name_H-M   'P 64'
#
loop_
_entity.id
_entity.type
_entity.pdbx_description
1 polymer 'Methionine aminopeptidase'
2 non-polymer 'MANGANESE (II) ION'
3 non-polymer METHIONINE
4 water water
#
_entity_poly.entity_id   1
_entity_poly.type   'polypeptide(L)'
_entity_poly.pdbx_seq_one_letter_code
;MDTEKLMKAGEIAKKVREKAIKLARPGMLLLELAESIEKMIMELGGKPAFPVNLSINEIAAHYTPYKGDTTVLKEGDYLK
IDVGVHIDGFIADTAVTVRVGMEEDELMEAAKEALNAAISVARAGVEIKELGKAIENEIRKRGFKPIVNLSGHKIERYKL
HAGISIPNIYRPHDNYVLKEGDVFAIEPFATIGAGQVIEVPPTLIYMYVRDVPVRVAQARFLLAKIKREYGTLPFAYRWL
QNDMPEGQLKLALKTLEKAGAIYGYPVLKEIRNGIVAQFEHTIIVEKDSVIVTTE
;
_entity_poly.pdbx_strand_id   A,B
#
# COMPACT_ATOMS: atom_id res chain seq x y z
N MET A 1 8.46 -28.08 -69.30
CA MET A 1 7.93 -27.40 -68.08
C MET A 1 7.88 -28.31 -66.92
N ASP A 2 8.98 -28.93 -66.86
CA ASP A 2 9.16 -30.06 -66.05
C ASP A 2 9.53 -29.78 -64.65
N THR A 3 8.81 -30.55 -63.87
CA THR A 3 8.94 -30.61 -62.46
C THR A 3 10.24 -31.37 -62.15
N GLU A 4 10.65 -32.18 -63.12
CA GLU A 4 11.89 -32.98 -63.03
C GLU A 4 13.11 -32.08 -63.14
N LYS A 5 13.02 -31.22 -64.13
CA LYS A 5 14.07 -30.25 -64.45
C LYS A 5 14.23 -29.29 -63.26
N LEU A 6 13.09 -28.83 -62.78
CA LEU A 6 13.04 -27.90 -61.63
C LEU A 6 13.65 -28.56 -60.40
N MET A 7 13.27 -29.82 -60.21
CA MET A 7 13.72 -30.63 -59.08
C MET A 7 15.21 -30.98 -59.24
N LYS A 8 15.58 -31.32 -60.46
CA LYS A 8 16.97 -31.67 -60.78
C LYS A 8 17.89 -30.50 -60.45
N ALA A 9 17.48 -29.34 -60.91
CA ALA A 9 18.23 -28.10 -60.66
C ALA A 9 18.31 -27.85 -59.16
N GLY A 10 17.21 -28.16 -58.51
CA GLY A 10 17.03 -28.00 -57.06
C GLY A 10 18.07 -28.81 -56.28
N GLU A 11 18.15 -30.09 -56.62
CA GLU A 11 19.07 -31.01 -55.95
C GLU A 11 20.52 -30.64 -56.25
N ILE A 12 20.78 -30.25 -57.48
CA ILE A 12 22.13 -29.84 -57.90
C ILE A 12 22.58 -28.62 -57.09
N ALA A 13 21.67 -27.66 -57.02
CA ALA A 13 21.89 -26.42 -56.29
C ALA A 13 22.26 -26.74 -54.83
N LYS A 14 21.47 -27.63 -54.24
CA LYS A 14 21.67 -28.04 -52.84
C LYS A 14 23.07 -28.62 -52.62
N LYS A 15 23.43 -29.53 -53.51
CA LYS A 15 24.71 -30.24 -53.46
C LYS A 15 25.90 -29.26 -53.44
N VAL A 16 25.89 -28.35 -54.40
CA VAL A 16 26.98 -27.37 -54.55
C VAL A 16 26.97 -26.33 -53.41
N ARG A 17 25.81 -26.15 -52.79
CA ARG A 17 25.66 -25.18 -51.69
C ARG A 17 26.24 -25.74 -50.39
N GLU A 18 25.90 -26.98 -50.12
CA GLU A 18 26.35 -27.68 -48.92
C GLU A 18 27.89 -27.82 -48.91
N LYS A 19 28.43 -28.03 -50.10
CA LYS A 19 29.87 -28.18 -50.30
C LYS A 19 30.58 -26.84 -50.16
N ALA A 20 29.90 -25.82 -50.64
CA ALA A 20 30.40 -24.44 -50.60
C ALA A 20 30.63 -24.01 -49.15
N ILE A 21 29.77 -24.54 -48.28
CA ILE A 21 29.81 -24.23 -46.85
C ILE A 21 31.06 -24.81 -46.20
N LYS A 22 31.44 -25.99 -46.67
CA LYS A 22 32.60 -26.72 -46.12
C LYS A 22 33.93 -26.07 -46.58
N LEU A 23 33.89 -25.46 -47.75
CA LEU A 23 35.07 -24.81 -48.35
C LEU A 23 35.25 -23.38 -47.85
N ALA A 24 34.14 -22.83 -47.37
CA ALA A 24 34.11 -21.47 -46.83
C ALA A 24 34.84 -21.43 -45.48
N ARG A 25 36.13 -21.69 -45.57
CA ARG A 25 37.01 -21.72 -44.39
C ARG A 25 37.91 -20.49 -44.38
N PRO A 26 38.38 -20.02 -43.22
CA PRO A 26 39.23 -18.86 -43.18
C PRO A 26 40.47 -19.12 -44.00
N GLY A 27 40.80 -18.12 -44.80
CA GLY A 27 41.99 -18.15 -45.67
C GLY A 27 41.60 -18.42 -47.12
N MET A 28 40.36 -18.82 -47.31
CA MET A 28 39.83 -19.15 -48.65
C MET A 28 39.62 -17.88 -49.48
N LEU A 29 40.23 -17.91 -50.65
CA LEU A 29 40.15 -16.83 -51.64
C LEU A 29 38.76 -16.89 -52.29
N LEU A 30 38.06 -15.77 -52.23
CA LEU A 30 36.69 -15.66 -52.78
C LEU A 30 36.63 -16.13 -54.23
N LEU A 31 37.64 -15.73 -54.99
CA LEU A 31 37.75 -16.07 -56.42
C LEU A 31 37.74 -17.59 -56.61
N GLU A 32 38.56 -18.25 -55.83
CA GLU A 32 38.72 -19.72 -55.87
C GLU A 32 37.41 -20.41 -55.46
N LEU A 33 36.80 -19.89 -54.43
CA LEU A 33 35.55 -20.43 -53.88
C LEU A 33 34.45 -20.41 -54.94
N ALA A 34 34.39 -19.30 -55.64
CA ALA A 34 33.39 -19.05 -56.68
C ALA A 34 33.51 -20.02 -57.86
N GLU A 35 34.72 -20.11 -58.40
CA GLU A 35 35.01 -20.93 -59.58
C GLU A 35 34.93 -22.43 -59.26
N SER A 36 34.97 -22.75 -57.99
CA SER A 36 34.87 -24.14 -57.54
C SER A 36 33.40 -24.57 -57.59
N ILE A 37 32.58 -23.67 -57.07
CA ILE A 37 31.12 -23.85 -56.98
C ILE A 37 30.50 -23.94 -58.38
N GLU A 38 30.88 -23.00 -59.21
CA GLU A 38 30.36 -22.92 -60.59
C GLU A 38 30.84 -24.13 -61.40
N LYS A 39 32.06 -24.53 -61.13
CA LYS A 39 32.68 -25.69 -61.79
C LYS A 39 31.93 -26.97 -61.43
N MET A 40 31.49 -27.00 -60.18
CA MET A 40 30.78 -28.15 -59.61
C MET A 40 29.36 -28.29 -60.18
N ILE A 41 28.82 -27.17 -60.66
CA ILE A 41 27.46 -27.14 -61.21
C ILE A 41 27.37 -27.83 -62.58
N MET A 42 28.45 -27.71 -63.33
CA MET A 42 28.53 -28.28 -64.68
C MET A 42 28.88 -29.78 -64.62
N GLU A 43 29.69 -30.12 -63.65
CA GLU A 43 30.13 -31.50 -63.43
C GLU A 43 28.91 -32.34 -63.05
N LEU A 44 27.93 -31.66 -62.49
CA LEU A 44 26.67 -32.27 -62.05
C LEU A 44 25.65 -32.30 -63.19
N GLY A 45 25.98 -31.54 -64.23
CA GLY A 45 25.16 -31.48 -65.46
C GLY A 45 24.16 -30.32 -65.42
N GLY A 46 24.53 -29.27 -64.73
CA GLY A 46 23.69 -28.07 -64.58
C GLY A 46 24.44 -26.85 -65.13
N LYS A 47 23.74 -25.72 -65.09
CA LYS A 47 24.27 -24.45 -65.56
C LYS A 47 23.96 -23.35 -64.55
N PRO A 48 24.87 -22.40 -64.34
CA PRO A 48 24.62 -21.32 -63.41
C PRO A 48 23.46 -20.50 -63.88
N ALA A 49 22.49 -20.33 -63.00
CA ALA A 49 21.33 -19.49 -63.30
C ALA A 49 21.77 -18.04 -63.29
N PHE A 50 22.89 -17.87 -62.60
CA PHE A 50 23.58 -16.59 -62.42
C PHE A 50 24.92 -16.85 -61.73
N PRO A 51 25.90 -15.93 -61.77
CA PRO A 51 27.16 -16.16 -61.10
C PRO A 51 26.91 -16.30 -59.63
N VAL A 52 27.50 -17.32 -59.03
CA VAL A 52 27.33 -17.52 -57.59
C VAL A 52 27.72 -16.25 -56.84
N ASN A 53 26.79 -15.80 -56.02
CA ASN A 53 26.99 -14.60 -55.21
C ASN A 53 27.66 -14.97 -53.89
N LEU A 54 28.64 -14.18 -53.54
CA LEU A 54 29.40 -14.34 -52.29
C LEU A 54 29.50 -12.98 -51.61
N SER A 55 28.59 -12.78 -50.69
CA SER A 55 28.49 -11.53 -49.95
C SER A 55 28.90 -11.73 -48.50
N ILE A 56 29.69 -10.78 -48.05
CA ILE A 56 30.26 -10.77 -46.71
C ILE A 56 29.77 -9.55 -45.91
N ASN A 57 29.32 -9.87 -44.71
CA ASN A 57 28.84 -8.91 -43.71
C ASN A 57 27.88 -7.88 -44.35
N GLU A 58 28.15 -6.62 -44.03
CA GLU A 58 27.32 -5.47 -44.48
C GLU A 58 26.90 -5.62 -45.95
N ILE A 59 27.72 -6.28 -46.74
CA ILE A 59 27.39 -6.53 -48.15
C ILE A 59 26.30 -7.61 -48.20
N ALA A 60 25.09 -7.14 -48.52
CA ALA A 60 23.88 -7.99 -48.53
C ALA A 60 23.87 -9.00 -49.69
N ALA A 61 24.11 -8.51 -50.90
CA ALA A 61 24.09 -9.39 -52.08
C ALA A 61 24.61 -8.69 -53.34
N HIS A 62 24.64 -9.51 -54.38
CA HIS A 62 25.05 -9.11 -55.74
C HIS A 62 26.55 -8.86 -55.84
N TYR A 63 27.29 -9.69 -55.14
CA TYR A 63 28.76 -9.64 -55.19
C TYR A 63 29.28 -10.99 -55.61
N THR A 64 30.11 -10.94 -56.63
CA THR A 64 30.75 -12.14 -57.17
C THR A 64 32.19 -11.78 -57.50
N PRO A 65 33.16 -12.65 -57.18
CA PRO A 65 34.56 -12.35 -57.43
C PRO A 65 34.80 -12.13 -58.89
N TYR A 66 36.00 -11.64 -59.15
CA TYR A 66 36.50 -11.36 -60.50
C TYR A 66 37.99 -11.68 -60.54
N LYS A 67 38.49 -11.88 -61.74
CA LYS A 67 39.90 -12.18 -61.95
C LYS A 67 40.76 -11.05 -61.36
N GLY A 68 41.54 -11.42 -60.37
CA GLY A 68 42.46 -10.49 -59.70
C GLY A 68 41.90 -10.05 -58.33
N ASP A 69 40.71 -10.52 -58.02
CA ASP A 69 40.07 -10.22 -56.74
C ASP A 69 40.86 -10.87 -55.61
N THR A 70 41.38 -10.04 -54.73
CA THR A 70 42.22 -10.50 -53.61
C THR A 70 41.39 -10.82 -52.35
N THR A 71 40.14 -10.40 -52.38
CA THR A 71 39.23 -10.64 -51.24
C THR A 71 39.39 -12.08 -50.74
N VAL A 72 39.72 -12.18 -49.47
CA VAL A 72 39.88 -13.49 -48.83
C VAL A 72 39.04 -13.60 -47.55
N LEU A 73 38.59 -14.83 -47.34
CA LEU A 73 37.73 -15.25 -46.22
C LEU A 73 38.49 -15.30 -44.91
N LYS A 74 37.83 -14.81 -43.88
CA LYS A 74 38.41 -14.83 -42.54
C LYS A 74 37.33 -15.19 -41.52
N GLU A 75 37.80 -15.68 -40.41
CA GLU A 75 36.96 -16.13 -39.31
C GLU A 75 36.10 -14.96 -38.80
N GLY A 76 34.81 -15.26 -38.68
CA GLY A 76 33.81 -14.31 -38.15
C GLY A 76 32.97 -13.67 -39.27
N ASP A 77 33.48 -13.74 -40.48
CA ASP A 77 32.81 -13.16 -41.65
C ASP A 77 31.46 -13.84 -41.91
N TYR A 78 30.40 -13.03 -41.86
CA TYR A 78 29.03 -13.49 -42.17
C TYR A 78 28.91 -13.57 -43.69
N LEU A 79 29.24 -14.74 -44.20
CA LEU A 79 29.24 -14.99 -45.66
C LEU A 79 27.92 -15.61 -46.14
N LYS A 80 27.34 -14.93 -47.10
CA LYS A 80 26.09 -15.35 -47.76
C LYS A 80 26.40 -15.95 -49.12
N ILE A 81 26.12 -17.24 -49.22
CA ILE A 81 26.36 -18.02 -50.45
C ILE A 81 25.04 -18.27 -51.19
N ASP A 82 24.83 -17.45 -52.21
CA ASP A 82 23.62 -17.53 -53.07
C ASP A 82 23.95 -18.24 -54.38
N VAL A 83 23.54 -19.49 -54.44
CA VAL A 83 23.78 -20.37 -55.58
C VAL A 83 22.52 -20.47 -56.45
N GLY A 84 22.75 -20.45 -57.75
CA GLY A 84 21.69 -20.53 -58.76
C GLY A 84 22.08 -21.49 -59.88
N VAL A 85 21.19 -22.44 -60.11
CA VAL A 85 21.34 -23.47 -61.14
C VAL A 85 20.06 -23.55 -61.96
N HIS A 86 20.23 -23.90 -63.23
CA HIS A 86 19.10 -24.03 -64.15
C HIS A 86 19.34 -25.19 -65.13
N ILE A 87 18.28 -25.93 -65.33
CA ILE A 87 18.23 -27.07 -66.24
C ILE A 87 17.29 -26.76 -67.39
N ASP A 88 17.88 -26.35 -68.49
CA ASP A 88 17.15 -25.99 -69.70
C ASP A 88 16.20 -24.82 -69.44
N GLY A 89 16.62 -23.96 -68.51
CA GLY A 89 15.86 -22.75 -68.17
C GLY A 89 15.17 -22.87 -66.80
N PHE A 90 15.01 -24.10 -66.34
CA PHE A 90 14.35 -24.36 -65.06
C PHE A 90 15.36 -24.12 -63.93
N ILE A 91 15.08 -23.03 -63.24
CA ILE A 91 15.94 -22.45 -62.21
C ILE A 91 15.65 -22.96 -60.79
N ALA A 92 16.74 -22.87 -60.04
CA ALA A 92 16.84 -23.21 -58.63
C ALA A 92 17.73 -22.14 -57.96
N ASP A 93 17.09 -21.34 -57.14
CA ASP A 93 17.72 -20.21 -56.44
C ASP A 93 17.65 -20.43 -54.93
N THR A 94 18.82 -20.71 -54.36
CA THR A 94 18.95 -20.98 -52.91
C THR A 94 20.20 -20.29 -52.36
N ALA A 95 20.18 -20.08 -51.05
CA ALA A 95 21.30 -19.42 -50.35
C ALA A 95 21.27 -19.70 -48.84
N VAL A 96 22.46 -19.57 -48.29
CA VAL A 96 22.71 -19.74 -46.86
C VAL A 96 23.75 -18.75 -46.39
N THR A 97 23.66 -18.48 -45.12
CA THR A 97 24.59 -17.60 -44.44
C THR A 97 25.40 -18.41 -43.44
N VAL A 98 26.68 -18.37 -43.66
CA VAL A 98 27.63 -19.03 -42.78
C VAL A 98 28.59 -18.01 -42.25
N ARG A 99 28.78 -18.07 -40.97
CA ARG A 99 29.76 -17.23 -40.30
C ARG A 99 31.03 -18.06 -40.25
N VAL A 100 31.92 -17.73 -41.16
CA VAL A 100 33.19 -18.45 -41.36
C VAL A 100 33.89 -18.84 -40.04
N GLY A 101 34.18 -20.15 -40.00
CA GLY A 101 34.93 -20.81 -38.92
C GLY A 101 34.20 -20.84 -37.57
N MET A 102 32.96 -20.40 -37.57
CA MET A 102 32.17 -20.37 -36.33
C MET A 102 30.80 -21.03 -36.54
N GLU A 103 29.98 -20.90 -35.51
CA GLU A 103 28.62 -21.47 -35.51
C GLU A 103 27.59 -20.38 -35.78
N GLU A 104 26.37 -20.85 -35.98
CA GLU A 104 25.20 -20.00 -36.26
C GLU A 104 24.82 -19.22 -34.99
N ASP A 105 24.58 -17.94 -35.18
CA ASP A 105 24.18 -17.05 -34.07
C ASP A 105 22.72 -16.62 -34.24
N GLU A 106 22.30 -15.72 -33.39
CA GLU A 106 20.92 -15.21 -33.34
C GLU A 106 20.46 -14.63 -34.69
N LEU A 107 21.23 -13.67 -35.18
CA LEU A 107 20.92 -12.98 -36.45
C LEU A 107 20.61 -13.99 -37.56
N MET A 108 21.50 -14.94 -37.70
CA MET A 108 21.39 -15.99 -38.73
C MET A 108 20.13 -16.83 -38.51
N GLU A 109 19.90 -17.16 -37.25
CA GLU A 109 18.73 -17.97 -36.85
C GLU A 109 17.43 -17.27 -37.25
N ALA A 110 17.46 -15.96 -37.11
CA ALA A 110 16.31 -15.10 -37.42
C ALA A 110 15.90 -15.24 -38.89
N ALA A 111 16.90 -15.16 -39.75
CA ALA A 111 16.71 -15.24 -41.21
C ALA A 111 16.25 -16.65 -41.61
N LYS A 112 16.92 -17.63 -41.03
CA LYS A 112 16.65 -19.05 -41.31
C LYS A 112 15.22 -19.42 -40.90
N GLU A 113 14.91 -19.10 -39.65
CA GLU A 113 13.58 -19.41 -39.08
C GLU A 113 12.49 -18.64 -39.84
N ALA A 114 12.87 -17.45 -40.31
CA ALA A 114 11.96 -16.60 -41.08
C ALA A 114 11.53 -17.37 -42.34
N LEU A 115 12.52 -18.01 -42.92
CA LEU A 115 12.36 -18.83 -44.13
C LEU A 115 11.44 -20.01 -43.87
N ASN A 116 11.79 -20.74 -42.81
CA ASN A 116 11.03 -21.93 -42.39
C ASN A 116 9.57 -21.56 -42.15
N ALA A 117 9.40 -20.40 -41.52
CA ALA A 117 8.08 -19.86 -41.18
C ALA A 117 7.26 -19.60 -42.46
N ALA A 118 7.91 -18.94 -43.39
CA ALA A 118 7.29 -18.58 -44.67
C ALA A 118 6.85 -19.82 -45.46
N ILE A 119 7.73 -20.81 -45.45
CA ILE A 119 7.50 -22.06 -46.19
C ILE A 119 6.31 -22.85 -45.61
N SER A 120 6.21 -22.85 -44.29
CA SER A 120 5.16 -23.58 -43.57
C SER A 120 3.76 -23.00 -43.84
N VAL A 121 3.72 -21.72 -44.20
CA VAL A 121 2.44 -21.03 -44.46
C VAL A 121 2.10 -21.03 -45.96
N ALA A 122 3.11 -21.21 -46.77
CA ALA A 122 2.95 -21.22 -48.23
C ALA A 122 2.05 -22.39 -48.65
N ARG A 123 0.95 -22.02 -49.28
CA ARG A 123 -0.07 -22.98 -49.77
C ARG A 123 -0.93 -22.29 -50.83
N ALA A 124 -1.32 -23.06 -51.83
CA ALA A 124 -2.19 -22.53 -52.88
C ALA A 124 -3.44 -21.92 -52.24
N GLY A 125 -3.74 -20.70 -52.65
CA GLY A 125 -4.91 -19.98 -52.15
C GLY A 125 -4.53 -18.94 -51.08
N VAL A 126 -3.27 -19.01 -50.66
CA VAL A 126 -2.74 -18.08 -49.65
C VAL A 126 -2.12 -16.85 -50.31
N GLU A 127 -2.52 -15.70 -49.80
CA GLU A 127 -2.01 -14.42 -50.28
C GLU A 127 -0.58 -14.23 -49.78
N ILE A 128 0.23 -13.72 -50.67
CA ILE A 128 1.67 -13.53 -50.44
C ILE A 128 1.97 -12.74 -49.15
N LYS A 129 1.13 -11.78 -48.81
CA LYS A 129 1.36 -10.94 -47.62
C LYS A 129 1.46 -11.80 -46.35
N GLU A 130 0.87 -12.98 -46.41
CA GLU A 130 0.87 -13.92 -45.27
C GLU A 130 2.31 -14.39 -44.99
N LEU A 131 3.01 -14.66 -46.07
CA LEU A 131 4.42 -15.10 -46.02
C LEU A 131 5.25 -13.98 -45.39
N GLY A 132 4.97 -12.79 -45.86
CA GLY A 132 5.64 -11.55 -45.43
C GLY A 132 5.51 -11.37 -43.92
N LYS A 133 4.28 -11.51 -43.45
CA LYS A 133 3.97 -11.38 -42.02
C LYS A 133 4.79 -12.39 -41.22
N ALA A 134 4.73 -13.62 -41.69
CA ALA A 134 5.43 -14.75 -41.08
C ALA A 134 6.93 -14.47 -40.96
N ILE A 135 7.47 -13.93 -42.04
CA ILE A 135 8.91 -13.63 -42.13
C ILE A 135 9.29 -12.48 -41.18
N GLU A 136 8.53 -11.41 -41.26
CA GLU A 136 8.78 -10.18 -40.48
C GLU A 136 8.77 -10.44 -38.97
N ASN A 137 7.83 -11.26 -38.54
CA ASN A 137 7.63 -11.55 -37.10
C ASN A 137 8.75 -12.43 -36.53
N GLU A 138 9.31 -13.28 -37.37
CA GLU A 138 10.41 -14.18 -36.95
C GLU A 138 11.71 -13.40 -36.75
N ILE A 139 11.84 -12.35 -37.54
CA ILE A 139 13.03 -11.50 -37.56
C ILE A 139 12.99 -10.42 -36.46
N ARG A 140 11.85 -9.77 -36.36
CA ARG A 140 11.65 -8.66 -35.40
C ARG A 140 11.57 -9.19 -33.95
N LYS A 141 10.82 -10.25 -33.78
CA LYS A 141 10.61 -10.86 -32.46
C LYS A 141 11.96 -11.27 -31.85
N ARG A 142 12.98 -11.28 -32.70
CA ARG A 142 14.34 -11.66 -32.29
C ARG A 142 15.21 -10.40 -32.13
N GLY A 143 14.57 -9.26 -32.33
CA GLY A 143 15.19 -7.94 -32.13
C GLY A 143 16.00 -7.44 -33.35
N PHE A 144 15.83 -8.10 -34.49
CA PHE A 144 16.53 -7.69 -35.73
C PHE A 144 15.53 -7.02 -36.68
N LYS A 145 16.07 -6.43 -37.74
CA LYS A 145 15.25 -5.70 -38.73
C LYS A 145 15.29 -6.35 -40.11
N PRO A 146 14.13 -6.73 -40.67
CA PRO A 146 14.08 -7.27 -42.02
C PRO A 146 14.48 -6.20 -43.01
N ILE A 147 15.09 -6.63 -44.12
CA ILE A 147 15.47 -5.70 -45.20
C ILE A 147 14.24 -5.52 -46.10
N VAL A 148 13.79 -4.28 -46.19
CA VAL A 148 12.55 -3.93 -46.91
C VAL A 148 12.69 -3.83 -48.44
N ASN A 149 13.89 -3.62 -48.96
CA ASN A 149 14.04 -3.47 -50.44
C ASN A 149 14.84 -4.62 -51.07
N LEU A 150 14.56 -5.79 -50.56
CA LEU A 150 15.13 -7.07 -51.00
C LEU A 150 14.11 -8.15 -50.66
N SER A 151 13.70 -8.92 -51.63
CA SER A 151 12.68 -9.92 -51.35
C SER A 151 12.67 -11.06 -52.37
N GLY A 152 11.87 -12.03 -51.99
CA GLY A 152 11.62 -13.22 -52.80
C GLY A 152 11.01 -12.79 -54.11
N HIS A 153 10.83 -13.75 -54.99
CA HIS A 153 10.29 -13.48 -56.31
C HIS A 153 9.86 -14.75 -57.01
N LYS A 154 8.84 -14.57 -57.82
CA LYS A 154 8.30 -15.64 -58.66
C LYS A 154 9.39 -15.98 -59.68
N ILE A 155 9.46 -17.25 -60.02
CA ILE A 155 10.46 -17.72 -60.98
C ILE A 155 9.79 -18.49 -62.11
N GLU A 156 10.25 -18.18 -63.30
CA GLU A 156 9.75 -18.81 -64.53
C GLU A 156 10.95 -19.20 -65.41
N ARG A 157 10.66 -20.07 -66.35
CA ARG A 157 11.68 -20.59 -67.30
C ARG A 157 12.48 -19.43 -67.90
N TYR A 158 13.77 -19.50 -67.66
CA TYR A 158 14.76 -18.52 -68.17
C TYR A 158 14.41 -17.10 -67.73
N LYS A 159 13.74 -17.01 -66.59
CA LYS A 159 13.31 -15.72 -66.01
C LYS A 159 13.37 -15.79 -64.49
N LEU A 160 14.50 -15.33 -63.96
CA LEU A 160 14.77 -15.31 -62.52
C LEU A 160 13.69 -14.53 -61.77
N HIS A 161 13.51 -13.29 -62.18
CA HIS A 161 12.52 -12.38 -61.58
C HIS A 161 11.32 -12.25 -62.53
N ALA A 162 10.26 -12.94 -62.13
CA ALA A 162 9.01 -13.05 -62.91
C ALA A 162 8.07 -11.84 -62.75
N GLY A 163 8.36 -10.98 -61.79
CA GLY A 163 7.57 -9.73 -61.62
C GLY A 163 6.68 -9.73 -60.37
N ILE A 164 6.72 -10.80 -59.59
CA ILE A 164 5.94 -10.88 -58.33
C ILE A 164 6.88 -11.17 -57.18
N SER A 165 6.92 -10.23 -56.26
CA SER A 165 7.81 -10.29 -55.09
C SER A 165 7.11 -10.86 -53.86
N ILE A 166 7.98 -11.29 -52.97
CA ILE A 166 7.62 -11.81 -51.64
C ILE A 166 8.40 -10.99 -50.62
N PRO A 167 7.95 -9.77 -50.32
CA PRO A 167 8.65 -8.89 -49.40
C PRO A 167 8.86 -9.58 -48.08
N ASN A 168 9.84 -9.06 -47.34
CA ASN A 168 10.25 -9.60 -46.03
C ASN A 168 9.52 -8.88 -44.89
N ILE A 169 8.50 -8.13 -45.28
CA ILE A 169 7.63 -7.42 -44.35
C ILE A 169 6.20 -7.58 -44.81
N TYR A 170 5.29 -7.36 -43.89
CA TYR A 170 3.86 -7.46 -44.17
C TYR A 170 3.39 -6.15 -44.80
N ARG A 171 2.70 -6.31 -45.91
CA ARG A 171 2.13 -5.18 -46.66
C ARG A 171 0.68 -5.51 -47.02
N PRO A 172 -0.26 -4.62 -46.71
CA PRO A 172 -1.68 -4.88 -46.93
C PRO A 172 -2.06 -5.10 -48.39
N HIS A 173 -1.22 -4.68 -49.32
CA HIS A 173 -1.58 -4.75 -50.76
C HIS A 173 -0.95 -5.94 -51.52
N ASP A 174 -0.13 -6.73 -50.83
CA ASP A 174 0.48 -7.93 -51.46
C ASP A 174 -0.55 -9.06 -51.42
N ASN A 175 -1.55 -8.91 -52.28
CA ASN A 175 -2.70 -9.83 -52.31
C ASN A 175 -2.65 -10.87 -53.44
N TYR A 176 -1.49 -11.05 -54.05
CA TYR A 176 -1.38 -12.08 -55.10
C TYR A 176 -1.57 -13.45 -54.47
N VAL A 177 -2.30 -14.30 -55.15
CA VAL A 177 -2.63 -15.63 -54.64
C VAL A 177 -1.79 -16.73 -55.29
N LEU A 178 -1.06 -17.42 -54.43
CA LEU A 178 -0.24 -18.56 -54.82
C LEU A 178 -1.17 -19.60 -55.43
N LYS A 179 -0.77 -20.12 -56.57
CA LYS A 179 -1.56 -21.14 -57.27
C LYS A 179 -0.65 -22.27 -57.72
N GLU A 180 -1.29 -23.39 -57.98
CA GLU A 180 -0.61 -24.61 -58.44
C GLU A 180 0.20 -24.30 -59.71
N GLY A 181 1.47 -24.68 -59.65
CA GLY A 181 2.39 -24.53 -60.78
C GLY A 181 3.39 -23.38 -60.55
N ASP A 182 3.03 -22.49 -59.66
CA ASP A 182 3.88 -21.34 -59.32
C ASP A 182 5.19 -21.79 -58.69
N VAL A 183 6.24 -21.10 -59.08
CA VAL A 183 7.60 -21.32 -58.55
C VAL A 183 8.10 -20.00 -57.99
N PHE A 184 8.41 -20.03 -56.71
CA PHE A 184 8.87 -18.84 -56.01
C PHE A 184 10.12 -19.11 -55.21
N ALA A 185 10.88 -18.05 -55.10
CA ALA A 185 12.11 -18.03 -54.32
C ALA A 185 11.87 -17.12 -53.11
N ILE A 186 11.96 -17.71 -51.94
CA ILE A 186 11.78 -17.00 -50.68
C ILE A 186 13.15 -16.77 -50.05
N GLU A 187 13.53 -15.51 -49.91
CA GLU A 187 14.85 -15.17 -49.37
C GLU A 187 14.79 -14.09 -48.29
N PRO A 188 14.33 -14.39 -47.07
CA PRO A 188 14.31 -13.41 -46.01
C PRO A 188 15.72 -12.93 -45.69
N PHE A 189 15.82 -11.61 -45.56
CA PHE A 189 17.08 -10.90 -45.22
C PHE A 189 16.89 -10.17 -43.89
N ALA A 190 17.81 -10.43 -42.97
CA ALA A 190 17.78 -9.80 -41.64
C ALA A 190 19.11 -9.10 -41.39
N THR A 191 19.05 -8.01 -40.64
CA THR A 191 20.25 -7.22 -40.33
C THR A 191 20.12 -6.51 -38.98
N ILE A 192 21.28 -6.08 -38.52
CA ILE A 192 21.39 -5.35 -37.25
C ILE A 192 21.44 -3.85 -37.55
N GLY A 193 21.25 -3.56 -38.82
CA GLY A 193 21.24 -2.18 -39.34
C GLY A 193 19.81 -1.63 -39.35
N ALA A 194 19.60 -0.69 -40.25
CA ALA A 194 18.29 -0.03 -40.41
C ALA A 194 17.28 -0.97 -41.08
N GLY A 195 17.82 -1.83 -41.92
CA GLY A 195 17.01 -2.83 -42.65
C GLY A 195 16.64 -2.29 -44.03
N GLN A 196 17.66 -1.77 -44.68
CA GLN A 196 17.56 -1.21 -46.04
C GLN A 196 18.94 -1.30 -46.70
N VAL A 197 18.92 -1.72 -47.95
CA VAL A 197 20.16 -1.88 -48.75
C VAL A 197 20.28 -0.74 -49.76
N ILE A 198 21.54 -0.44 -50.12
CA ILE A 198 21.86 0.60 -51.12
C ILE A 198 22.96 0.16 -52.04
N GLU A 199 22.93 0.82 -53.17
CA GLU A 199 23.86 0.55 -54.26
C GLU A 199 25.16 1.27 -54.07
N VAL A 200 26.13 0.39 -54.28
CA VAL A 200 27.51 0.92 -54.20
C VAL A 200 28.41 0.19 -55.17
N PRO A 201 29.44 0.85 -55.68
CA PRO A 201 30.37 0.18 -56.53
C PRO A 201 31.07 -1.06 -55.93
N PRO A 202 31.68 -1.90 -56.77
CA PRO A 202 31.81 -1.86 -58.20
C PRO A 202 30.59 -2.54 -58.79
N THR A 203 30.53 -2.64 -60.11
CA THR A 203 29.43 -3.38 -60.78
C THR A 203 30.06 -4.66 -61.38
N LEU A 204 29.77 -5.80 -60.72
CA LEU A 204 30.36 -7.11 -61.08
C LEU A 204 29.36 -8.10 -61.73
N ILE A 205 28.08 -7.75 -61.74
CA ILE A 205 27.04 -8.62 -62.36
C ILE A 205 26.17 -7.79 -63.32
N TYR A 206 25.93 -8.39 -64.49
CA TYR A 206 25.11 -7.78 -65.55
C TYR A 206 24.12 -8.79 -66.12
N MET A 207 23.26 -8.30 -66.98
CA MET A 207 22.25 -9.12 -67.66
C MET A 207 21.74 -8.44 -68.92
N TYR A 208 21.68 -9.25 -69.97
CA TYR A 208 21.17 -8.82 -71.26
C TYR A 208 19.69 -8.52 -71.11
N VAL A 209 19.23 -7.49 -71.78
CA VAL A 209 17.84 -7.09 -71.68
C VAL A 209 17.25 -6.72 -73.04
N ARG A 210 18.04 -6.02 -73.82
CA ARG A 210 17.56 -5.54 -75.11
C ARG A 210 18.70 -5.41 -76.12
N ASP A 211 18.34 -5.73 -77.35
CA ASP A 211 19.23 -5.62 -78.50
C ASP A 211 18.98 -4.29 -79.19
N VAL A 212 19.96 -3.44 -79.04
CA VAL A 212 19.89 -2.06 -79.51
C VAL A 212 21.10 -1.72 -80.40
N PRO A 213 20.98 -0.78 -81.36
CA PRO A 213 22.09 -0.40 -82.21
C PRO A 213 23.20 0.16 -81.37
N VAL A 214 24.40 -0.25 -81.72
CA VAL A 214 25.62 0.18 -81.01
C VAL A 214 26.71 0.50 -82.05
N ARG A 215 27.08 1.76 -82.06
CA ARG A 215 28.07 2.31 -83.01
C ARG A 215 29.42 1.56 -82.91
N VAL A 216 30.12 1.77 -81.80
CA VAL A 216 31.44 1.14 -81.56
C VAL A 216 31.37 -0.38 -81.86
N ALA A 217 32.42 -0.85 -82.54
CA ALA A 217 32.55 -2.25 -83.01
C ALA A 217 32.72 -3.27 -81.86
N GLN A 218 33.71 -3.04 -81.01
CA GLN A 218 34.03 -3.96 -79.88
C GLN A 218 32.81 -4.17 -78.97
N ALA A 219 32.13 -3.07 -78.70
CA ALA A 219 30.94 -3.07 -77.86
C ALA A 219 29.83 -3.89 -78.52
N ARG A 220 29.64 -3.60 -79.79
CA ARG A 220 28.62 -4.27 -80.63
C ARG A 220 28.85 -5.78 -80.65
N PHE A 221 30.12 -6.13 -80.79
CA PHE A 221 30.54 -7.54 -80.85
C PHE A 221 30.27 -8.25 -79.52
N LEU A 222 30.53 -7.53 -78.44
CA LEU A 222 30.34 -8.06 -77.07
C LEU A 222 28.86 -8.33 -76.82
N LEU A 223 28.04 -7.36 -77.18
CA LEU A 223 26.58 -7.43 -77.01
C LEU A 223 26.07 -8.73 -77.64
N ALA A 224 26.57 -9.00 -78.82
CA ALA A 224 26.20 -10.19 -79.59
C ALA A 224 26.59 -11.47 -78.83
N LYS A 225 27.68 -11.37 -78.08
CA LYS A 225 28.21 -12.51 -77.29
C LYS A 225 27.35 -12.75 -76.07
N ILE A 226 27.10 -11.68 -75.40
CA ILE A 226 26.27 -11.68 -74.22
C ILE A 226 24.94 -12.34 -74.56
N LYS A 227 24.35 -11.83 -75.62
CA LYS A 227 23.04 -12.29 -76.12
C LYS A 227 23.05 -13.79 -76.46
N ARG A 228 24.11 -14.19 -77.14
CA ARG A 228 24.26 -15.57 -77.63
C ARG A 228 24.59 -16.58 -76.53
N GLU A 229 25.49 -16.20 -75.63
CA GLU A 229 25.99 -17.13 -74.60
C GLU A 229 25.31 -17.00 -73.22
N TYR A 230 24.74 -15.84 -72.93
CA TYR A 230 24.14 -15.64 -71.59
C TYR A 230 22.62 -15.42 -71.67
N GLY A 231 22.12 -15.30 -72.87
CA GLY A 231 20.68 -15.12 -73.12
C GLY A 231 20.05 -14.11 -72.16
N THR A 232 18.98 -14.57 -71.50
CA THR A 232 18.18 -13.74 -70.57
C THR A 232 18.44 -14.07 -69.09
N LEU A 233 19.66 -14.47 -68.80
CA LEU A 233 20.06 -14.81 -67.42
C LEU A 233 21.27 -13.97 -67.00
N PRO A 234 21.35 -13.51 -65.75
CA PRO A 234 22.47 -12.69 -65.31
C PRO A 234 23.77 -13.44 -65.49
N PHE A 235 24.80 -12.67 -65.82
CA PHE A 235 26.17 -13.17 -66.01
C PHE A 235 27.14 -12.29 -65.21
N ALA A 236 28.32 -12.81 -64.97
CA ALA A 236 29.35 -12.11 -64.19
C ALA A 236 30.38 -11.45 -65.10
N TYR A 237 30.95 -10.38 -64.57
CA TYR A 237 31.99 -9.60 -65.24
C TYR A 237 33.21 -10.49 -65.45
N ARG A 238 33.38 -11.37 -64.48
CA ARG A 238 34.49 -12.33 -64.41
C ARG A 238 34.49 -13.27 -65.62
N TRP A 239 33.29 -13.69 -66.00
CA TRP A 239 33.10 -14.64 -67.10
C TRP A 239 33.59 -14.09 -68.45
N LEU A 240 33.79 -12.76 -68.51
CA LEU A 240 34.20 -12.08 -69.76
C LEU A 240 35.62 -11.52 -69.72
N GLN A 241 36.28 -11.65 -68.59
CA GLN A 241 37.62 -11.07 -68.39
C GLN A 241 38.72 -11.71 -69.26
N ASN A 242 38.42 -12.84 -69.87
CA ASN A 242 39.41 -13.55 -70.72
C ASN A 242 39.20 -13.22 -72.20
N ASP A 243 38.17 -12.44 -72.45
CA ASP A 243 37.77 -12.07 -73.81
C ASP A 243 38.58 -10.87 -74.34
N MET A 244 38.75 -9.86 -73.51
CA MET A 244 39.50 -8.66 -73.90
C MET A 244 40.15 -7.98 -72.69
N PRO A 245 41.07 -7.03 -72.91
CA PRO A 245 41.74 -6.34 -71.82
C PRO A 245 40.73 -5.67 -70.93
N GLU A 246 41.17 -5.38 -69.71
CA GLU A 246 40.33 -4.77 -68.66
C GLU A 246 39.69 -3.46 -69.15
N GLY A 247 40.55 -2.56 -69.58
CA GLY A 247 40.15 -1.22 -70.06
C GLY A 247 39.00 -1.29 -71.07
N GLN A 248 39.23 -2.08 -72.10
CA GLN A 248 38.28 -2.25 -73.21
C GLN A 248 36.97 -2.91 -72.75
N LEU A 249 37.13 -3.91 -71.90
CA LEU A 249 35.97 -4.66 -71.37
C LEU A 249 35.00 -3.73 -70.63
N LYS A 250 35.58 -2.94 -69.74
CA LYS A 250 34.83 -2.00 -68.89
C LYS A 250 34.11 -0.94 -69.73
N LEU A 251 34.80 -0.45 -70.73
CA LEU A 251 34.24 0.55 -71.64
C LEU A 251 33.05 -0.04 -72.37
N ALA A 252 33.29 -1.20 -72.95
CA ALA A 252 32.27 -1.94 -73.69
C ALA A 252 31.01 -2.06 -72.83
N LEU A 253 31.22 -2.65 -71.66
CA LEU A 253 30.15 -2.88 -70.68
C LEU A 253 29.43 -1.56 -70.34
N LYS A 254 30.24 -0.56 -70.08
CA LYS A 254 29.75 0.79 -69.73
C LYS A 254 28.87 1.35 -70.84
N THR A 255 29.31 1.15 -72.06
CA THR A 255 28.61 1.63 -73.25
C THR A 255 27.24 0.94 -73.38
N LEU A 256 27.29 -0.38 -73.41
CA LEU A 256 26.09 -1.23 -73.55
C LEU A 256 25.05 -0.90 -72.47
N GLU A 257 25.55 -0.60 -71.28
CA GLU A 257 24.71 -0.25 -70.14
C GLU A 257 24.00 1.08 -70.38
N LYS A 258 24.77 1.97 -70.97
CA LYS A 258 24.33 3.33 -71.32
C LYS A 258 23.24 3.27 -72.40
N ALA A 259 23.58 2.55 -73.45
CA ALA A 259 22.69 2.37 -74.61
C ALA A 259 21.39 1.68 -74.17
N GLY A 260 21.46 1.13 -72.97
CA GLY A 260 20.33 0.42 -72.34
C GLY A 260 20.17 -0.97 -72.95
N ALA A 261 21.30 -1.55 -73.29
CA ALA A 261 21.36 -2.89 -73.90
C ALA A 261 21.42 -3.98 -72.82
N ILE A 262 21.96 -3.61 -71.68
CA ILE A 262 22.11 -4.54 -70.55
C ILE A 262 21.94 -3.82 -69.21
N TYR A 263 21.58 -4.64 -68.22
CA TYR A 263 21.40 -4.19 -66.83
C TYR A 263 22.70 -4.40 -66.04
N GLY A 264 22.99 -3.44 -65.21
CA GLY A 264 24.17 -3.49 -64.32
C GLY A 264 23.67 -3.68 -62.89
N TYR A 265 24.21 -4.66 -62.21
CA TYR A 265 23.79 -4.98 -60.83
C TYR A 265 24.87 -4.59 -59.83
N PRO A 266 24.91 -3.32 -59.40
CA PRO A 266 25.89 -2.88 -58.42
C PRO A 266 25.74 -3.63 -57.13
N VAL A 267 26.86 -3.76 -56.42
CA VAL A 267 26.91 -4.43 -55.11
C VAL A 267 25.96 -3.73 -54.14
N LEU A 268 25.26 -4.53 -53.38
CA LEU A 268 24.29 -4.01 -52.40
C LEU A 268 24.84 -4.14 -50.98
N LYS A 269 24.82 -3.00 -50.31
CA LYS A 269 25.33 -2.83 -48.94
C LYS A 269 24.24 -2.26 -48.03
N GLU A 270 24.20 -2.76 -46.79
CA GLU A 270 23.23 -2.28 -45.79
C GLU A 270 23.49 -0.78 -45.58
N ILE A 271 22.40 -0.03 -45.49
CA ILE A 271 22.46 1.44 -45.39
C ILE A 271 23.21 1.96 -44.15
N ARG A 272 23.37 1.11 -43.14
CA ARG A 272 24.08 1.51 -41.91
C ARG A 272 25.27 0.59 -41.66
N ASN A 273 25.57 -0.19 -42.68
CA ASN A 273 26.69 -1.14 -42.69
C ASN A 273 26.48 -2.23 -41.63
N GLY A 274 25.23 -2.44 -41.29
CA GLY A 274 24.86 -3.46 -40.31
C GLY A 274 24.99 -4.84 -40.97
N ILE A 275 25.60 -5.75 -40.25
CA ILE A 275 25.77 -7.12 -40.72
C ILE A 275 24.43 -7.62 -41.26
N VAL A 276 24.50 -8.38 -42.34
CA VAL A 276 23.31 -8.93 -42.99
C VAL A 276 23.40 -10.44 -43.12
N ALA A 277 22.27 -11.06 -42.83
CA ALA A 277 22.11 -12.52 -42.93
C ALA A 277 20.97 -12.83 -43.90
N GLN A 278 21.17 -13.87 -44.68
CA GLN A 278 20.18 -14.28 -45.68
C GLN A 278 20.16 -15.79 -45.87
N PHE A 279 18.94 -16.27 -46.00
CA PHE A 279 18.61 -17.69 -46.24
C PHE A 279 17.55 -17.72 -47.33
N GLU A 280 17.76 -18.55 -48.32
CA GLU A 280 16.84 -18.62 -49.47
C GLU A 280 16.66 -20.04 -49.99
N HIS A 281 15.42 -20.30 -50.33
CA HIS A 281 14.95 -21.58 -50.89
C HIS A 281 13.98 -21.31 -52.04
N THR A 282 13.95 -22.26 -52.96
CA THR A 282 13.04 -22.21 -54.10
C THR A 282 11.96 -23.26 -53.88
N ILE A 283 10.73 -22.86 -54.09
CA ILE A 283 9.58 -23.75 -53.88
C ILE A 283 8.65 -23.78 -55.08
N ILE A 284 8.00 -24.91 -55.19
CA ILE A 284 6.98 -25.17 -56.20
C ILE A 284 5.65 -25.38 -55.48
N VAL A 285 4.66 -24.65 -55.92
CA VAL A 285 3.33 -24.72 -55.31
C VAL A 285 2.48 -25.78 -56.00
N GLU A 286 2.01 -26.69 -55.17
CA GLU A 286 1.14 -27.78 -55.60
C GLU A 286 -0.22 -27.64 -54.91
N LYS A 287 -1.12 -28.53 -55.29
CA LYS A 287 -2.49 -28.53 -54.79
C LYS A 287 -2.57 -28.67 -53.26
N ASP A 288 -1.86 -29.65 -52.75
CA ASP A 288 -1.90 -29.98 -51.30
C ASP A 288 -0.75 -29.38 -50.49
N SER A 289 0.30 -29.00 -51.18
CA SER A 289 1.46 -28.43 -50.48
C SER A 289 2.45 -27.87 -51.47
N VAL A 290 3.50 -27.35 -50.86
CA VAL A 290 4.61 -26.78 -51.59
C VAL A 290 5.80 -27.74 -51.50
N ILE A 291 6.62 -27.66 -52.51
CA ILE A 291 7.80 -28.50 -52.61
C ILE A 291 9.06 -27.62 -52.66
N VAL A 292 9.85 -27.74 -51.59
CA VAL A 292 11.13 -27.02 -51.49
C VAL A 292 12.16 -27.82 -52.29
N THR A 293 12.35 -27.39 -53.52
CA THR A 293 13.23 -28.07 -54.46
C THR A 293 14.71 -28.02 -54.03
N THR A 294 15.03 -27.09 -53.15
CA THR A 294 16.44 -26.91 -52.76
C THR A 294 16.77 -27.39 -51.34
N GLU A 295 15.70 -28.00 -50.62
CA GLU A 295 16.07 -28.45 -49.28
C GLU A 295 16.41 -29.94 -49.27
N MET B 1 -14.90 -5.95 62.96
CA MET B 1 -14.44 -5.30 61.70
C MET B 1 -15.05 -5.94 60.52
N ASP B 2 -16.24 -6.39 60.72
CA ASP B 2 -16.87 -7.12 59.68
C ASP B 2 -17.10 -6.28 58.44
N THR B 3 -16.63 -6.85 57.36
CA THR B 3 -16.76 -6.24 56.05
C THR B 3 -18.23 -6.24 55.65
N GLU B 4 -18.94 -7.28 56.10
CA GLU B 4 -20.37 -7.44 55.78
C GLU B 4 -21.21 -6.36 56.47
N LYS B 5 -20.72 -5.87 57.60
CA LYS B 5 -21.40 -4.80 58.36
C LYS B 5 -21.15 -3.45 57.68
N LEU B 6 -19.92 -3.30 57.22
CA LEU B 6 -19.49 -2.11 56.49
C LEU B 6 -20.28 -2.00 55.18
N MET B 7 -20.45 -3.16 54.58
CA MET B 7 -21.17 -3.29 53.30
C MET B 7 -22.66 -3.01 53.49
N LYS B 8 -23.20 -3.54 54.57
CA LYS B 8 -24.62 -3.34 54.90
C LYS B 8 -24.91 -1.85 55.03
N ALA B 9 -24.05 -1.19 55.80
CA ALA B 9 -24.16 0.25 56.03
C ALA B 9 -24.14 0.98 54.69
N GLY B 10 -23.25 0.50 53.84
CA GLY B 10 -23.03 1.05 52.50
C GLY B 10 -24.29 0.96 51.63
N GLU B 11 -24.87 -0.23 51.58
CA GLU B 11 -26.06 -0.46 50.75
C GLU B 11 -27.27 0.29 51.33
N ILE B 12 -27.31 0.43 52.64
CA ILE B 12 -28.40 1.19 53.26
C ILE B 12 -28.25 2.67 52.89
N ALA B 13 -27.02 3.13 53.02
CA ALA B 13 -26.68 4.53 52.69
C ALA B 13 -27.04 4.84 51.24
N LYS B 14 -26.79 3.88 50.37
CA LYS B 14 -27.05 4.02 48.93
C LYS B 14 -28.55 4.14 48.64
N LYS B 15 -29.31 3.28 49.29
CA LYS B 15 -30.77 3.21 49.11
C LYS B 15 -31.47 4.54 49.46
N VAL B 16 -31.10 5.13 50.61
CA VAL B 16 -31.73 6.41 51.07
C VAL B 16 -31.22 7.60 50.27
N ARG B 17 -29.99 7.49 49.82
CA ARG B 17 -29.38 8.54 49.00
C ARG B 17 -30.15 8.66 47.69
N GLU B 18 -30.29 7.52 47.03
CA GLU B 18 -31.00 7.45 45.75
C GLU B 18 -32.46 7.89 45.96
N LYS B 19 -33.03 7.47 47.07
CA LYS B 19 -34.41 7.84 47.42
C LYS B 19 -34.49 9.34 47.65
N ALA B 20 -33.50 9.82 48.38
CA ALA B 20 -33.38 11.25 48.73
C ALA B 20 -33.39 12.11 47.47
N ILE B 21 -32.69 11.65 46.46
CA ILE B 21 -32.56 12.38 45.18
C ILE B 21 -33.94 12.56 44.53
N LYS B 22 -34.77 11.55 44.65
CA LYS B 22 -36.11 11.56 44.05
C LYS B 22 -37.06 12.49 44.83
N LEU B 23 -36.81 12.61 46.12
CA LEU B 23 -37.66 13.44 47.00
C LEU B 23 -37.26 14.92 46.97
N ALA B 24 -36.07 15.18 46.47
CA ALA B 24 -35.53 16.56 46.41
C ALA B 24 -36.09 17.33 45.20
N ARG B 25 -37.40 17.53 45.23
CA ARG B 25 -38.12 18.25 44.16
C ARG B 25 -38.44 19.67 44.62
N PRO B 26 -38.64 20.64 43.72
CA PRO B 26 -38.96 21.98 44.13
C PRO B 26 -40.20 21.96 45.00
N GLY B 27 -40.12 22.72 46.08
CA GLY B 27 -41.22 22.86 47.04
C GLY B 27 -40.99 21.99 48.29
N MET B 28 -40.09 21.04 48.16
CA MET B 28 -39.77 20.11 49.26
C MET B 28 -39.10 20.87 50.41
N LEU B 29 -39.68 20.68 51.59
CA LEU B 29 -39.21 21.27 52.84
C LEU B 29 -37.97 20.49 53.31
N LEU B 30 -36.88 21.21 53.49
CA LEU B 30 -35.59 20.61 53.91
C LEU B 30 -35.78 19.74 55.17
N LEU B 31 -36.55 20.27 56.11
CA LEU B 31 -36.82 19.57 57.38
C LEU B 31 -37.50 18.22 57.10
N GLU B 32 -38.48 18.26 56.21
CA GLU B 32 -39.23 17.06 55.83
C GLU B 32 -38.31 16.04 55.16
N LEU B 33 -37.47 16.56 54.27
CA LEU B 33 -36.51 15.74 53.53
C LEU B 33 -35.57 15.02 54.50
N ALA B 34 -35.08 15.79 55.47
CA ALA B 34 -34.13 15.29 56.47
C ALA B 34 -34.72 14.13 57.29
N GLU B 35 -35.93 14.32 57.78
CA GLU B 35 -36.64 13.31 58.59
C GLU B 35 -36.77 12.00 57.85
N SER B 36 -37.42 12.15 56.72
CA SER B 36 -37.72 11.09 55.79
C SER B 36 -36.48 10.22 55.56
N ILE B 37 -35.37 10.89 55.34
CA ILE B 37 -34.10 10.21 55.08
C ILE B 37 -33.67 9.39 56.30
N GLU B 38 -33.67 10.04 57.44
CA GLU B 38 -33.25 9.40 58.70
C GLU B 38 -34.26 8.31 59.10
N LYS B 39 -35.52 8.55 58.80
CA LYS B 39 -36.57 7.58 59.11
C LYS B 39 -36.37 6.32 58.28
N MET B 40 -35.95 6.53 57.05
CA MET B 40 -35.70 5.45 56.08
C MET B 40 -34.49 4.62 56.50
N ILE B 41 -33.52 5.29 57.08
CA ILE B 41 -32.28 4.62 57.53
C ILE B 41 -32.61 3.60 58.61
N MET B 42 -33.49 4.02 59.50
CA MET B 42 -33.92 3.19 60.61
C MET B 42 -34.76 2.00 60.08
N GLU B 43 -35.73 2.31 59.23
CA GLU B 43 -36.64 1.28 58.64
C GLU B 43 -35.85 0.16 57.94
N LEU B 44 -34.65 0.52 57.52
CA LEU B 44 -33.77 -0.42 56.80
C LEU B 44 -32.90 -1.23 57.77
N GLY B 45 -32.93 -0.83 59.03
CA GLY B 45 -32.21 -1.54 60.11
C GLY B 45 -30.84 -0.91 60.44
N GLY B 46 -30.63 0.30 59.95
CA GLY B 46 -29.39 1.03 60.21
C GLY B 46 -29.67 2.22 61.12
N LYS B 47 -28.58 2.87 61.50
CA LYS B 47 -28.62 4.07 62.34
C LYS B 47 -27.81 5.16 61.64
N PRO B 48 -28.15 6.45 61.80
CA PRO B 48 -27.39 7.51 61.17
C PRO B 48 -26.00 7.58 61.74
N ALA B 49 -25.01 7.72 60.88
CA ALA B 49 -23.62 7.87 61.32
C ALA B 49 -23.43 9.32 61.80
N PHE B 50 -24.36 10.12 61.35
CA PHE B 50 -24.46 11.56 61.65
C PHE B 50 -25.77 12.07 61.07
N PRO B 51 -26.30 13.23 61.46
CA PRO B 51 -27.54 13.72 60.88
C PRO B 51 -27.29 13.96 59.42
N VAL B 52 -28.27 13.68 58.60
CA VAL B 52 -28.08 13.90 57.16
C VAL B 52 -27.86 15.40 56.89
N ASN B 53 -26.83 15.67 56.11
CA ASN B 53 -26.47 17.04 55.73
C ASN B 53 -27.12 17.39 54.39
N LEU B 54 -27.72 18.55 54.39
CA LEU B 54 -28.40 19.12 53.22
C LEU B 54 -27.92 20.56 53.04
N SER B 55 -26.90 20.69 52.21
CA SER B 55 -26.27 21.99 51.96
C SER B 55 -26.61 22.49 50.56
N ILE B 56 -27.10 23.71 50.53
CA ILE B 56 -27.53 24.38 49.30
C ILE B 56 -26.56 25.49 48.88
N ASN B 57 -26.33 25.50 47.58
CA ASN B 57 -25.46 26.46 46.88
C ASN B 57 -24.13 26.66 47.63
N GLU B 58 -23.82 27.94 47.83
CA GLU B 58 -22.54 28.36 48.46
C GLU B 58 -22.25 27.58 49.75
N ILE B 59 -23.29 27.05 50.38
CA ILE B 59 -23.10 26.23 51.60
C ILE B 59 -22.57 24.87 51.16
N ALA B 60 -21.32 24.63 51.50
CA ALA B 60 -20.61 23.41 51.11
C ALA B 60 -21.02 22.22 51.98
N ALA B 61 -21.13 22.45 53.27
CA ALA B 61 -21.47 21.35 54.16
C ALA B 61 -21.76 21.81 55.59
N HIS B 62 -22.12 20.78 56.33
CA HIS B 62 -22.44 20.85 57.75
C HIS B 62 -23.74 21.58 58.02
N TYR B 63 -24.70 21.38 57.13
CA TYR B 63 -26.03 21.96 57.31
C TYR B 63 -27.09 20.86 57.36
N THR B 64 -27.81 20.89 58.46
CA THR B 64 -28.91 19.95 58.69
C THR B 64 -30.09 20.74 59.26
N PRO B 65 -31.30 20.61 58.70
CA PRO B 65 -32.44 21.37 59.16
C PRO B 65 -32.74 21.09 60.61
N TYR B 66 -33.59 21.95 61.13
CA TYR B 66 -34.07 21.90 62.52
C TYR B 66 -35.56 22.23 62.54
N LYS B 67 -36.14 22.03 63.70
CA LYS B 67 -37.55 22.31 63.92
C LYS B 67 -37.81 23.80 63.72
N GLY B 68 -38.79 24.07 62.88
CA GLY B 68 -39.19 25.44 62.57
C GLY B 68 -38.36 26.01 61.43
N ASP B 69 -37.50 25.16 60.86
CA ASP B 69 -36.68 25.57 59.71
C ASP B 69 -37.60 25.60 58.48
N THR B 70 -37.72 26.78 57.90
CA THR B 70 -38.62 26.99 56.77
C THR B 70 -37.91 26.85 55.41
N THR B 71 -36.61 26.60 55.43
CA THR B 71 -35.85 26.46 54.18
C THR B 71 -36.55 25.44 53.28
N VAL B 72 -36.77 25.87 52.05
CA VAL B 72 -37.45 25.04 51.06
C VAL B 72 -36.69 25.03 49.74
N LEU B 73 -36.63 23.84 49.18
CA LEU B 73 -35.96 23.54 47.91
C LEU B 73 -36.70 24.24 46.76
N LYS B 74 -35.91 24.80 45.87
CA LYS B 74 -36.43 25.45 44.67
C LYS B 74 -35.53 25.11 43.50
N GLU B 75 -36.14 25.10 42.34
CA GLU B 75 -35.47 24.79 41.08
C GLU B 75 -34.19 25.63 40.93
N GLY B 76 -33.08 24.93 40.72
CA GLY B 76 -31.77 25.57 40.48
C GLY B 76 -30.79 25.36 41.65
N ASP B 77 -31.34 25.02 42.81
CA ASP B 77 -30.54 24.82 44.02
C ASP B 77 -29.57 23.65 43.87
N TYR B 78 -28.30 23.95 44.12
CA TYR B 78 -27.25 22.92 44.12
C TYR B 78 -27.21 22.31 45.52
N LEU B 79 -28.02 21.28 45.68
CA LEU B 79 -28.19 20.59 46.97
C LEU B 79 -27.27 19.37 47.08
N LYS B 80 -26.52 19.37 48.15
CA LYS B 80 -25.60 18.28 48.49
C LYS B 80 -26.25 17.41 49.57
N ILE B 81 -26.57 16.20 49.18
CA ILE B 81 -27.19 15.20 50.07
C ILE B 81 -26.08 14.23 50.58
N ASP B 82 -25.54 14.54 51.78
CA ASP B 82 -24.46 13.75 52.45
C ASP B 82 -25.07 12.84 53.55
N VAL B 83 -25.30 11.59 53.17
CA VAL B 83 -25.91 10.57 54.08
C VAL B 83 -24.82 9.73 54.77
N GLY B 84 -25.14 9.41 56.01
CA GLY B 84 -24.24 8.60 56.88
C GLY B 84 -25.07 7.54 57.62
N VAL B 85 -24.57 6.31 57.53
CA VAL B 85 -25.19 5.15 58.15
C VAL B 85 -24.12 4.26 58.77
N HIS B 86 -24.46 3.67 59.91
CA HIS B 86 -23.55 2.79 60.61
C HIS B 86 -24.29 1.59 61.19
N ILE B 87 -23.63 0.47 61.03
CA ILE B 87 -24.08 -0.82 61.53
C ILE B 87 -23.12 -1.28 62.62
N ASP B 88 -23.58 -1.11 63.84
CA ASP B 88 -22.81 -1.48 65.03
C ASP B 88 -21.46 -0.74 65.06
N GLY B 89 -21.45 0.45 64.49
CA GLY B 89 -20.25 1.31 64.51
C GLY B 89 -19.54 1.37 63.14
N PHE B 90 -19.86 0.43 62.27
CA PHE B 90 -19.25 0.40 60.92
C PHE B 90 -20.03 1.38 60.04
N ILE B 91 -19.30 2.41 59.65
CA ILE B 91 -19.85 3.58 58.94
C ILE B 91 -19.76 3.52 57.41
N ALA B 92 -20.68 4.29 56.87
CA ALA B 92 -20.88 4.54 55.44
C ALA B 92 -21.19 6.03 55.24
N ASP B 93 -20.29 6.60 54.61
CA ASP B 93 -20.36 8.04 54.35
C ASP B 93 -20.34 8.29 52.83
N THR B 94 -21.47 8.81 52.29
CA THR B 94 -21.62 9.07 50.85
C THR B 94 -22.45 10.34 50.62
N ALA B 95 -22.23 10.96 49.46
CA ALA B 95 -22.94 12.20 49.11
C ALA B 95 -23.00 12.44 47.60
N VAL B 96 -24.00 13.24 47.25
CA VAL B 96 -24.27 13.67 45.88
C VAL B 96 -24.80 15.09 45.87
N THR B 97 -24.67 15.66 44.71
CA THR B 97 -25.15 17.00 44.43
C THR B 97 -26.17 16.91 43.32
N VAL B 98 -27.30 17.50 43.58
CA VAL B 98 -28.38 17.54 42.64
C VAL B 98 -28.89 18.94 42.46
N ARG B 99 -28.97 19.31 41.21
CA ARG B 99 -29.55 20.59 40.86
C ARG B 99 -31.04 20.37 40.76
N VAL B 100 -31.69 20.77 41.83
CA VAL B 100 -33.13 20.61 42.00
C VAL B 100 -33.90 21.02 40.74
N GLY B 101 -34.60 20.02 40.23
CA GLY B 101 -35.50 20.15 39.06
C GLY B 101 -34.73 20.38 37.74
N MET B 102 -33.45 20.13 37.79
CA MET B 102 -32.58 20.31 36.61
C MET B 102 -31.62 19.12 36.48
N GLU B 103 -30.88 19.15 35.39
CA GLU B 103 -29.90 18.10 35.08
C GLU B 103 -28.53 18.54 35.51
N GLU B 104 -27.70 17.56 35.58
CA GLU B 104 -26.31 17.72 35.97
C GLU B 104 -25.62 18.69 35.01
N ASP B 105 -24.81 19.54 35.62
CA ASP B 105 -24.04 20.54 34.87
C ASP B 105 -22.53 20.31 35.09
N GLU B 106 -21.75 21.18 34.47
CA GLU B 106 -20.28 21.11 34.48
C GLU B 106 -19.72 21.04 35.92
N LEU B 107 -20.03 22.04 36.71
CA LEU B 107 -19.54 22.13 38.09
C LEU B 107 -19.70 20.80 38.82
N MET B 108 -20.90 20.25 38.72
CA MET B 108 -21.25 18.97 39.36
C MET B 108 -20.44 17.82 38.76
N GLU B 109 -20.32 17.86 37.44
CA GLU B 109 -19.59 16.83 36.69
C GLU B 109 -18.14 16.76 37.16
N ALA B 110 -17.59 17.93 37.41
CA ALA B 110 -16.19 18.08 37.85
C ALA B 110 -15.94 17.31 39.15
N ALA B 111 -16.84 17.51 40.09
CA ALA B 111 -16.77 16.89 41.42
C ALA B 111 -16.94 15.36 41.32
N LYS B 112 -17.89 14.97 40.49
CA LYS B 112 -18.24 13.56 40.28
C LYS B 112 -17.09 12.80 39.62
N GLU B 113 -16.58 13.37 38.54
CA GLU B 113 -15.48 12.76 37.77
C GLU B 113 -14.21 12.73 38.63
N ALA B 114 -14.11 13.71 39.50
CA ALA B 114 -12.97 13.83 40.43
C ALA B 114 -12.95 12.62 41.36
N LEU B 115 -14.14 12.29 41.81
CA LEU B 115 -14.36 11.15 42.73
C LEU B 115 -14.02 9.83 42.04
N ASN B 116 -14.56 9.69 40.85
CA ASN B 116 -14.34 8.48 40.03
C ASN B 116 -12.84 8.31 39.75
N ALA B 117 -12.21 9.44 39.48
CA ALA B 117 -10.77 9.49 39.18
C ALA B 117 -9.98 8.98 40.39
N ALA B 118 -10.35 9.50 41.54
CA ALA B 118 -9.71 9.18 42.82
C ALA B 118 -9.83 7.68 43.12
N ILE B 119 -11.02 7.16 42.92
CA ILE B 119 -11.33 5.75 43.21
C ILE B 119 -10.58 4.82 42.25
N SER B 120 -10.39 5.28 41.04
CA SER B 120 -9.72 4.48 39.98
C SER B 120 -8.22 4.30 40.26
N VAL B 121 -7.66 5.18 41.08
CA VAL B 121 -6.22 5.12 41.41
C VAL B 121 -6.01 4.62 42.85
N ALA B 122 -7.06 4.70 43.63
CA ALA B 122 -7.05 4.24 45.02
C ALA B 122 -6.71 2.76 45.02
N ARG B 123 -5.64 2.44 45.70
CA ARG B 123 -5.14 1.06 45.78
C ARG B 123 -4.15 0.92 46.92
N ALA B 124 -4.04 -0.31 47.38
CA ALA B 124 -3.10 -0.66 48.44
C ALA B 124 -1.69 -0.48 47.90
N GLY B 125 -0.90 0.28 48.64
CA GLY B 125 0.49 0.56 48.29
C GLY B 125 0.62 1.95 47.64
N VAL B 126 -0.52 2.56 47.41
CA VAL B 126 -0.57 3.91 46.81
C VAL B 126 -0.61 4.97 47.90
N GLU B 127 0.12 6.04 47.66
CA GLU B 127 0.19 7.18 48.58
C GLU B 127 -0.99 8.10 48.31
N ILE B 128 -1.60 8.53 49.40
CA ILE B 128 -2.81 9.36 49.38
C ILE B 128 -2.68 10.58 48.44
N LYS B 129 -1.49 11.14 48.35
CA LYS B 129 -1.29 12.35 47.51
C LYS B 129 -1.63 12.06 46.04
N GLU B 130 -1.57 10.80 45.66
CA GLU B 130 -1.89 10.38 44.28
C GLU B 130 -3.38 10.65 44.01
N LEU B 131 -4.18 10.37 45.02
CA LEU B 131 -5.63 10.56 44.97
C LEU B 131 -5.93 12.06 44.85
N GLY B 132 -5.16 12.81 45.62
CA GLY B 132 -5.27 14.28 45.66
C GLY B 132 -4.98 14.87 44.28
N LYS B 133 -3.98 14.31 43.64
CA LYS B 133 -3.54 14.72 42.30
C LYS B 133 -4.66 14.50 41.29
N ALA B 134 -5.16 13.28 41.28
CA ALA B 134 -6.23 12.86 40.38
C ALA B 134 -7.45 13.76 40.54
N ILE B 135 -7.81 13.99 41.79
CA ILE B 135 -8.96 14.81 42.16
C ILE B 135 -8.80 16.25 41.67
N GLU B 136 -7.66 16.82 41.99
CA GLU B 136 -7.34 18.23 41.68
C GLU B 136 -7.34 18.50 40.17
N ASN B 137 -6.84 17.55 39.42
CA ASN B 137 -6.70 17.70 37.96
C ASN B 137 -8.06 17.61 37.24
N GLU B 138 -8.94 16.78 37.76
CA GLU B 138 -10.28 16.62 37.17
C GLU B 138 -11.06 17.95 37.30
N ILE B 139 -10.94 18.53 38.47
CA ILE B 139 -11.63 19.76 38.84
C ILE B 139 -11.06 20.99 38.12
N ARG B 140 -9.75 21.10 38.14
CA ARG B 140 -9.06 22.27 37.55
C ARG B 140 -9.09 22.27 36.01
N LYS B 141 -9.02 21.09 35.41
CA LYS B 141 -9.02 21.00 33.94
C LYS B 141 -10.38 21.41 33.37
N ARG B 142 -11.37 21.44 34.26
CA ARG B 142 -12.74 21.81 33.87
C ARG B 142 -13.02 23.30 34.19
N GLY B 143 -12.00 23.94 34.73
CA GLY B 143 -12.03 25.39 35.01
C GLY B 143 -12.64 25.74 36.39
N PHE B 144 -12.69 24.77 37.28
CA PHE B 144 -13.23 25.00 38.64
C PHE B 144 -12.09 24.84 39.66
N LYS B 145 -12.37 25.26 40.89
CA LYS B 145 -11.36 25.22 41.97
C LYS B 145 -11.73 24.24 43.07
N PRO B 146 -10.84 23.30 43.41
CA PRO B 146 -11.08 22.39 44.52
C PRO B 146 -11.12 23.17 45.81
N ILE B 147 -11.83 22.64 46.80
CA ILE B 147 -11.87 23.27 48.13
C ILE B 147 -10.73 22.68 48.95
N VAL B 148 -9.75 23.53 49.22
CA VAL B 148 -8.49 23.15 49.88
C VAL B 148 -8.65 22.73 51.37
N ASN B 149 -9.64 23.25 52.08
CA ASN B 149 -9.76 22.92 53.52
C ASN B 149 -11.01 22.07 53.83
N LEU B 150 -11.29 21.17 52.91
CA LEU B 150 -12.38 20.18 53.01
C LEU B 150 -11.91 18.95 52.26
N SER B 151 -11.84 17.81 52.93
CA SER B 151 -11.31 16.61 52.29
C SER B 151 -11.84 15.30 52.88
N GLY B 152 -11.43 14.24 52.19
CA GLY B 152 -11.76 12.86 52.54
C GLY B 152 -11.08 12.52 53.86
N HIS B 153 -11.40 11.33 54.35
CA HIS B 153 -10.85 10.91 55.64
C HIS B 153 -11.03 9.41 55.88
N LYS B 154 -10.03 8.92 56.66
CA LYS B 154 -10.02 7.52 57.10
C LYS B 154 -11.20 7.32 58.05
N ILE B 155 -11.77 6.14 58.00
CA ILE B 155 -12.92 5.80 58.83
C ILE B 155 -12.68 4.50 59.59
N GLU B 156 -12.98 4.58 60.87
CA GLU B 156 -12.84 3.45 61.79
C GLU B 156 -14.15 3.31 62.58
N ARG B 157 -14.31 2.14 63.18
CA ARG B 157 -15.53 1.84 63.95
C ARG B 157 -15.82 2.97 64.94
N TYR B 158 -17.05 3.45 64.84
CA TYR B 158 -17.56 4.54 65.71
C TYR B 158 -16.59 5.73 65.71
N LYS B 159 -15.95 5.91 64.57
CA LYS B 159 -14.97 7.00 64.38
C LYS B 159 -14.96 7.46 62.93
N LEU B 160 -15.83 8.42 62.67
CA LEU B 160 -16.01 9.01 61.33
C LEU B 160 -14.67 9.48 60.74
N HIS B 161 -13.99 10.31 61.53
CA HIS B 161 -12.68 10.88 61.14
C HIS B 161 -11.57 10.23 61.99
N ALA B 162 -10.84 9.34 61.32
CA ALA B 162 -9.79 8.51 61.95
C ALA B 162 -8.41 9.20 62.01
N GLY B 163 -8.33 10.44 61.58
CA GLY B 163 -7.07 11.22 61.70
C GLY B 163 -6.18 11.26 60.44
N ILE B 164 -6.65 10.70 59.34
CA ILE B 164 -5.88 10.73 58.08
C ILE B 164 -6.80 11.19 56.95
N SER B 165 -6.41 12.31 56.36
CA SER B 165 -7.19 12.97 55.31
C SER B 165 -6.68 12.65 53.90
N ILE B 166 -7.59 12.90 52.98
CA ILE B 166 -7.38 12.77 51.55
C ILE B 166 -7.71 14.12 50.93
N PRO B 167 -6.78 15.07 50.95
CA PRO B 167 -7.03 16.40 50.43
C PRO B 167 -7.46 16.32 49.00
N ASN B 168 -8.10 17.40 48.56
CA ASN B 168 -8.64 17.52 47.20
C ASN B 168 -7.63 18.23 46.29
N ILE B 169 -6.43 18.33 46.82
CA ILE B 169 -5.28 18.92 46.11
C ILE B 169 -4.06 18.05 46.40
N TYR B 170 -3.13 18.10 45.49
CA TYR B 170 -1.89 17.34 45.61
C TYR B 170 -0.92 18.07 46.53
N ARG B 171 -0.54 17.35 47.58
CA ARG B 171 0.42 17.85 48.57
C ARG B 171 1.60 16.87 48.62
N PRO B 172 2.84 17.35 48.47
CA PRO B 172 4.00 16.47 48.41
C PRO B 172 4.22 15.66 49.66
N HIS B 173 3.54 16.01 50.72
CA HIS B 173 3.77 15.36 52.01
C HIS B 173 2.64 14.42 52.46
N ASP B 174 1.64 14.24 51.63
CA ASP B 174 0.57 13.28 51.93
C ASP B 174 1.04 11.90 51.48
N ASN B 175 1.98 11.38 52.24
CA ASN B 175 2.67 10.12 51.90
C ASN B 175 2.11 8.88 52.62
N TYR B 176 0.99 9.01 53.28
CA TYR B 176 0.40 7.82 53.93
C TYR B 176 0.08 6.79 52.84
N VAL B 177 0.44 5.55 53.11
CA VAL B 177 0.24 4.46 52.15
C VAL B 177 -0.99 3.63 52.48
N LEU B 178 -1.89 3.59 51.50
CA LEU B 178 -3.13 2.80 51.61
C LEU B 178 -2.75 1.34 51.80
N LYS B 179 -3.42 0.71 52.74
CA LYS B 179 -3.17 -0.71 53.04
C LYS B 179 -4.49 -1.45 53.23
N GLU B 180 -4.40 -2.75 53.06
CA GLU B 180 -5.55 -3.63 53.21
C GLU B 180 -6.23 -3.39 54.57
N GLY B 181 -7.55 -3.34 54.52
CA GLY B 181 -8.38 -3.18 55.72
C GLY B 181 -8.75 -1.71 55.97
N ASP B 182 -8.03 -0.82 55.32
CA ASP B 182 -8.27 0.62 55.46
C ASP B 182 -9.62 1.01 54.86
N VAL B 183 -10.29 1.90 55.56
CA VAL B 183 -11.58 2.44 55.14
C VAL B 183 -11.50 3.96 55.11
N PHE B 184 -11.80 4.47 53.93
CA PHE B 184 -11.72 5.90 53.66
C PHE B 184 -12.94 6.39 52.93
N ALA B 185 -13.19 7.65 53.21
CA ALA B 185 -14.24 8.43 52.57
C ALA B 185 -13.56 9.47 51.70
N ILE B 186 -13.86 9.39 50.42
CA ILE B 186 -13.32 10.33 49.44
C ILE B 186 -14.44 11.29 49.05
N GLU B 187 -14.22 12.57 49.27
CA GLU B 187 -15.25 13.58 48.98
C GLU B 187 -14.71 14.84 48.31
N PRO B 188 -14.38 14.80 47.02
CA PRO B 188 -13.94 16.00 46.32
C PRO B 188 -15.02 17.06 46.32
N PHE B 189 -14.58 18.29 46.58
CA PHE B 189 -15.45 19.49 46.60
C PHE B 189 -14.96 20.50 45.55
N ALA B 190 -15.85 20.89 44.67
CA ALA B 190 -15.55 21.85 43.59
C ALA B 190 -16.43 23.10 43.75
N THR B 191 -15.89 24.22 43.31
CA THR B 191 -16.60 25.51 43.40
C THR B 191 -16.14 26.47 42.31
N ILE B 192 -17.00 27.44 42.06
CA ILE B 192 -16.75 28.51 41.08
C ILE B 192 -16.21 29.72 41.83
N GLY B 193 -16.09 29.52 43.14
CA GLY B 193 -15.61 30.55 44.08
C GLY B 193 -14.08 30.54 44.14
N ALA B 194 -13.59 30.79 45.35
CA ALA B 194 -12.14 30.86 45.64
C ALA B 194 -11.53 29.47 45.81
N GLY B 195 -12.28 28.61 46.49
CA GLY B 195 -11.86 27.21 46.74
C GLY B 195 -11.43 27.02 48.19
N GLN B 196 -12.24 27.56 49.08
CA GLN B 196 -11.99 27.49 50.52
C GLN B 196 -13.30 27.82 51.26
N VAL B 197 -13.52 27.11 52.36
CA VAL B 197 -14.72 27.35 53.17
C VAL B 197 -14.35 28.01 54.48
N ILE B 198 -15.35 28.66 55.00
CA ILE B 198 -15.26 29.34 56.29
C ILE B 198 -16.50 29.06 57.09
N GLU B 199 -16.27 29.07 58.38
CA GLU B 199 -17.29 28.83 59.39
C GLU B 199 -18.16 30.06 59.64
N VAL B 200 -19.45 29.81 59.48
CA VAL B 200 -20.52 30.81 59.66
C VAL B 200 -21.69 30.24 60.41
N PRO B 201 -22.42 31.03 61.17
CA PRO B 201 -23.59 30.55 61.82
C PRO B 201 -24.67 29.94 60.93
N PRO B 202 -25.61 29.17 61.49
CA PRO B 202 -25.80 28.82 62.89
C PRO B 202 -24.99 27.57 63.16
N THR B 203 -25.02 27.09 64.39
CA THR B 203 -24.35 25.79 64.70
C THR B 203 -25.47 24.73 64.90
N LEU B 204 -25.61 23.84 63.90
CA LEU B 204 -26.71 22.80 63.86
C LEU B 204 -26.22 21.36 64.10
N ILE B 205 -24.92 21.17 64.17
CA ILE B 205 -24.36 19.83 64.39
C ILE B 205 -23.28 19.88 65.46
N TYR B 206 -23.32 18.86 66.30
CA TYR B 206 -22.36 18.70 67.42
C TYR B 206 -21.92 17.25 67.52
N MET B 207 -20.98 17.03 68.43
CA MET B 207 -20.45 15.69 68.70
C MET B 207 -19.73 15.66 70.04
N TYR B 208 -20.09 14.65 70.81
CA TYR B 208 -19.50 14.41 72.13
C TYR B 208 -18.00 14.17 71.93
N VAL B 209 -17.22 14.62 72.88
CA VAL B 209 -15.76 14.49 72.78
C VAL B 209 -15.10 14.15 74.12
N ARG B 210 -15.78 14.46 75.21
CA ARG B 210 -15.19 14.22 76.53
C ARG B 210 -16.20 14.49 77.65
N ASP B 211 -16.20 13.57 78.59
CA ASP B 211 -17.03 13.68 79.79
C ASP B 211 -16.29 14.55 80.80
N VAL B 212 -16.77 15.78 80.92
CA VAL B 212 -16.16 16.77 81.80
C VAL B 212 -17.18 17.31 82.80
N PRO B 213 -16.73 17.76 84.00
CA PRO B 213 -17.64 18.30 84.99
C PRO B 213 -18.31 19.56 84.51
N VAL B 214 -19.61 19.64 84.74
CA VAL B 214 -20.42 20.84 84.39
C VAL B 214 -21.27 21.22 85.62
N ARG B 215 -21.27 22.50 85.90
CA ARG B 215 -21.89 23.06 87.12
C ARG B 215 -23.41 23.32 86.98
N VAL B 216 -23.93 23.36 85.77
CA VAL B 216 -25.38 23.59 85.58
C VAL B 216 -26.08 22.25 85.30
N ALA B 217 -27.07 21.99 86.13
CA ALA B 217 -27.87 20.75 86.10
C ALA B 217 -28.34 20.38 84.69
N GLN B 218 -29.08 21.30 84.08
CA GLN B 218 -29.65 21.08 82.73
C GLN B 218 -28.56 20.73 81.72
N ALA B 219 -27.47 21.47 81.78
CA ALA B 219 -26.34 21.27 80.87
C ALA B 219 -25.68 19.92 81.13
N ARG B 220 -25.61 19.59 82.41
CA ARG B 220 -25.01 18.33 82.88
C ARG B 220 -25.85 17.14 82.39
N PHE B 221 -27.16 17.30 82.55
CA PHE B 221 -28.14 16.28 82.16
C PHE B 221 -28.05 16.01 80.65
N LEU B 222 -27.93 17.09 79.90
CA LEU B 222 -27.85 17.05 78.43
C LEU B 222 -26.62 16.24 77.99
N LEU B 223 -25.51 16.56 78.63
CA LEU B 223 -24.21 15.92 78.36
C LEU B 223 -24.31 14.41 78.52
N ALA B 224 -24.98 14.01 79.58
CA ALA B 224 -25.19 12.59 79.92
C ALA B 224 -26.04 11.89 78.85
N LYS B 225 -27.06 12.60 78.42
CA LYS B 225 -28.00 12.09 77.40
C LYS B 225 -27.28 11.92 76.06
N ILE B 226 -26.48 12.91 75.74
CA ILE B 226 -25.70 12.92 74.49
C ILE B 226 -24.74 11.73 74.44
N LYS B 227 -23.98 11.62 75.51
CA LYS B 227 -22.98 10.55 75.67
C LYS B 227 -23.63 9.18 75.53
N ARG B 228 -24.80 9.08 76.14
CA ARG B 228 -25.59 7.85 76.21
C ARG B 228 -26.21 7.45 74.87
N GLU B 229 -26.86 8.42 74.24
CA GLU B 229 -27.63 8.15 73.00
C GLU B 229 -26.83 8.35 71.70
N TYR B 230 -25.81 9.19 71.72
CA TYR B 230 -25.08 9.50 70.47
C TYR B 230 -23.62 9.02 70.49
N GLY B 231 -23.14 8.65 71.65
CA GLY B 231 -21.76 8.16 71.80
C GLY B 231 -20.77 9.13 71.12
N THR B 232 -19.88 8.54 70.33
CA THR B 232 -18.80 9.29 69.63
C THR B 232 -19.13 9.56 68.16
N LEU B 233 -20.40 9.74 67.87
CA LEU B 233 -20.88 10.04 66.50
C LEU B 233 -21.62 11.38 66.49
N PRO B 234 -21.44 12.24 65.47
CA PRO B 234 -22.10 13.53 65.42
C PRO B 234 -23.61 13.38 65.49
N PHE B 235 -24.22 14.37 66.14
CA PHE B 235 -25.70 14.46 66.32
C PHE B 235 -26.19 15.86 65.95
N ALA B 236 -27.47 15.95 65.66
CA ALA B 236 -28.11 17.20 65.23
C ALA B 236 -28.82 17.90 66.40
N TYR B 237 -28.79 19.22 66.33
CA TYR B 237 -29.45 20.11 67.29
C TYR B 237 -30.94 19.77 67.29
N ARG B 238 -31.34 19.32 66.12
CA ARG B 238 -32.72 18.95 65.80
C ARG B 238 -33.20 17.76 66.64
N TRP B 239 -32.32 16.80 66.82
CA TRP B 239 -32.62 15.56 67.55
C TRP B 239 -32.90 15.83 69.05
N LEU B 240 -32.57 17.03 69.50
CA LEU B 240 -32.71 17.40 70.93
C LEU B 240 -33.81 18.46 71.19
N GLN B 241 -34.41 18.93 70.13
CA GLN B 241 -35.40 20.04 70.22
C GLN B 241 -36.70 19.65 70.95
N ASN B 242 -36.89 18.37 71.24
CA ASN B 242 -38.09 17.92 71.95
C ASN B 242 -37.78 17.58 73.41
N ASP B 243 -36.63 18.06 73.86
CA ASP B 243 -36.15 17.78 75.21
C ASP B 243 -36.23 19.02 76.12
N MET B 244 -36.20 20.19 75.52
CA MET B 244 -36.29 21.45 76.28
C MET B 244 -36.52 22.64 75.34
N PRO B 245 -36.99 23.77 75.86
CA PRO B 245 -37.25 24.95 75.03
C PRO B 245 -35.99 25.41 74.37
N GLU B 246 -36.18 26.10 73.27
CA GLU B 246 -35.09 26.64 72.43
C GLU B 246 -34.05 27.37 73.29
N GLY B 247 -34.55 28.27 74.11
CA GLY B 247 -33.72 29.13 74.99
C GLY B 247 -32.75 28.31 75.86
N GLN B 248 -33.28 27.24 76.43
CA GLN B 248 -32.52 26.38 77.35
C GLN B 248 -31.55 25.46 76.60
N LEU B 249 -32.04 24.91 75.50
CA LEU B 249 -31.24 23.99 74.67
C LEU B 249 -29.93 24.66 74.23
N LYS B 250 -30.09 25.86 73.68
CA LYS B 250 -28.98 26.66 73.15
C LYS B 250 -27.98 27.03 74.25
N LEU B 251 -28.50 27.31 75.43
CA LEU B 251 -27.67 27.66 76.58
C LEU B 251 -26.82 26.47 77.00
N ALA B 252 -27.51 25.35 77.14
CA ALA B 252 -26.90 24.06 77.53
C ALA B 252 -25.79 23.69 76.55
N LEU B 253 -26.17 23.69 75.29
CA LEU B 253 -25.27 23.35 74.18
C LEU B 253 -24.01 24.22 74.21
N LYS B 254 -24.23 25.52 74.32
CA LYS B 254 -23.14 26.51 74.34
C LYS B 254 -22.21 26.27 75.54
N THR B 255 -22.83 25.96 76.67
CA THR B 255 -22.09 25.72 77.91
C THR B 255 -21.18 24.49 77.76
N LEU B 256 -21.77 23.45 77.19
CA LEU B 256 -21.08 22.16 76.98
C LEU B 256 -19.89 22.34 76.03
N GLU B 257 -20.08 23.20 75.04
CA GLU B 257 -19.04 23.46 74.03
C GLU B 257 -17.88 24.25 74.64
N LYS B 258 -18.23 25.22 75.44
CA LYS B 258 -17.25 26.10 76.11
C LYS B 258 -16.42 25.29 77.11
N ALA B 259 -17.06 24.29 77.69
CA ALA B 259 -16.44 23.42 78.70
C ALA B 259 -15.55 22.37 78.02
N GLY B 260 -15.72 22.26 76.71
CA GLY B 260 -14.94 21.34 75.87
C GLY B 260 -15.47 19.91 75.98
N ALA B 261 -16.73 19.81 76.35
CA ALA B 261 -17.41 18.52 76.51
C ALA B 261 -17.89 18.00 75.15
N ILE B 262 -18.15 18.93 74.26
CA ILE B 262 -18.64 18.62 72.90
C ILE B 262 -18.14 19.64 71.87
N TYR B 263 -17.96 19.13 70.67
CA TYR B 263 -17.54 19.95 69.52
C TYR B 263 -18.78 20.51 68.82
N GLY B 264 -18.62 21.73 68.34
CA GLY B 264 -19.65 22.41 67.56
C GLY B 264 -19.17 22.49 66.12
N TYR B 265 -20.05 22.17 65.19
CA TYR B 265 -19.70 22.17 63.76
C TYR B 265 -20.50 23.24 63.01
N PRO B 266 -20.09 24.51 63.03
CA PRO B 266 -20.81 25.57 62.33
C PRO B 266 -20.89 25.27 60.85
N VAL B 267 -21.92 25.86 60.24
CA VAL B 267 -22.17 25.73 58.80
C VAL B 267 -20.94 26.21 58.04
N LEU B 268 -20.58 25.45 57.02
CA LEU B 268 -19.40 25.76 56.18
C LEU B 268 -19.86 26.37 54.86
N LYS B 269 -19.37 27.57 54.61
CA LYS B 269 -19.73 28.33 53.41
C LYS B 269 -18.48 28.79 52.65
N GLU B 270 -18.57 28.67 51.34
CA GLU B 270 -17.49 29.08 50.42
C GLU B 270 -17.15 30.55 50.72
N ILE B 271 -15.86 30.78 50.90
CA ILE B 271 -15.33 32.10 51.29
C ILE B 271 -15.86 33.25 50.41
N ARG B 272 -16.07 32.97 49.13
CA ARG B 272 -16.55 34.01 48.19
C ARG B 272 -17.98 33.72 47.73
N ASN B 273 -18.66 32.94 48.55
CA ASN B 273 -20.06 32.55 48.30
C ASN B 273 -20.22 31.90 46.93
N GLY B 274 -19.21 31.16 46.55
CA GLY B 274 -19.20 30.44 45.28
C GLY B 274 -19.97 29.12 45.44
N ILE B 275 -20.75 28.81 44.42
CA ILE B 275 -21.53 27.56 44.41
C ILE B 275 -20.58 26.39 44.60
N VAL B 276 -21.00 25.45 45.45
CA VAL B 276 -20.18 24.27 45.75
C VAL B 276 -20.93 22.99 45.41
N ALA B 277 -20.17 22.08 44.81
CA ALA B 277 -20.65 20.75 44.43
C ALA B 277 -19.78 19.70 45.12
N GLN B 278 -20.43 18.64 45.55
CA GLN B 278 -19.74 17.55 46.26
C GLN B 278 -20.34 16.19 45.93
N PHE B 279 -19.43 15.24 45.84
CA PHE B 279 -19.73 13.83 45.60
C PHE B 279 -18.82 13.04 46.54
N GLU B 280 -19.37 12.12 47.16
CA GLU B 280 -18.60 11.34 48.14
C GLU B 280 -19.04 9.87 48.17
N HIS B 281 -18.03 8.98 48.39
CA HIS B 281 -18.17 7.53 48.51
C HIS B 281 -17.22 7.01 49.59
N THR B 282 -17.58 5.86 50.11
CA THR B 282 -16.78 5.15 51.11
C THR B 282 -16.21 3.90 50.45
N ILE B 283 -14.93 3.69 50.64
CA ILE B 283 -14.26 2.53 50.05
C ILE B 283 -13.52 1.73 51.10
N ILE B 284 -13.39 0.46 50.78
CA ILE B 284 -12.62 -0.49 51.58
C ILE B 284 -11.44 -0.95 50.74
N VAL B 285 -10.26 -0.72 51.25
CA VAL B 285 -9.05 -1.11 50.53
C VAL B 285 -8.74 -2.57 50.80
N GLU B 286 -8.74 -3.33 49.72
CA GLU B 286 -8.44 -4.77 49.78
C GLU B 286 -7.12 -5.03 49.07
N LYS B 287 -6.76 -6.29 49.02
CA LYS B 287 -5.48 -6.72 48.44
C LYS B 287 -5.37 -6.40 46.93
N ASP B 288 -6.38 -6.80 46.18
CA ASP B 288 -6.35 -6.65 44.71
C ASP B 288 -7.08 -5.40 44.20
N SER B 289 -7.95 -4.86 45.01
CA SER B 289 -8.72 -3.67 44.61
C SER B 289 -9.47 -3.08 45.79
N VAL B 290 -10.19 -2.02 45.48
CA VAL B 290 -11.01 -1.33 46.48
C VAL B 290 -12.47 -1.59 46.19
N ILE B 291 -13.21 -1.68 47.27
CA ILE B 291 -14.66 -1.90 47.21
C ILE B 291 -15.37 -0.62 47.63
N VAL B 292 -16.18 -0.12 46.72
CA VAL B 292 -17.00 1.08 46.98
C VAL B 292 -18.30 0.64 47.61
N THR B 293 -18.31 0.64 48.93
CA THR B 293 -19.45 0.18 49.72
C THR B 293 -20.73 0.95 49.44
N THR B 294 -20.60 2.19 49.02
CA THR B 294 -21.79 3.04 48.81
C THR B 294 -22.20 3.15 47.34
N GLU B 295 -21.51 2.43 46.48
CA GLU B 295 -21.82 2.46 45.05
C GLU B 295 -22.88 1.43 44.67
#